data_7U44
#
_entry.id   7U44
#
_cell.length_a   100.417
_cell.length_b   135.336
_cell.length_c   135.190
_cell.angle_alpha   99.306
_cell.angle_beta   95.661
_cell.angle_gamma   106.505
#
_symmetry.space_group_name_H-M   'P 1'
#
loop_
_entity.id
_entity.type
_entity.pdbx_description
1 polymer 'DNA (42-MER)'
2 polymer "DNA (5'-D(P*TP*TP*TP*AP*GP*CP*AP*TP*AP*GP*GP*CP*AP*GP*TP*CP*GP*TP*GP*GP*CP*TP*CP*G)-3')"
3 polymer 'DNA (35-MER)'
4 polymer 'DNA (42-MER)'
5 polymer 'DNA (35-MER)'
6 polymer 'DNA (31-MER)'
7 polymer "DNA (5'-D(P*CP*AP*CP*CP*GP*AP*TP*CP*AP*CP*CP*TP*GP*CP*CP*AP*CP*CP*GP*TP*A)-3')"
#
loop_
_entity_poly.entity_id
_entity_poly.type
_entity_poly.pdbx_seq_one_letter_code
_entity_poly.pdbx_strand_id
1 'polydeoxyribonucleotide'
;(DC)(DA)(DC)(DG)(DA)(DG)(DC)(DC)(DT)(DG)(DA)(DT)(DC)(DG)(DG)(DA)(DC)(DA)(DA)(DG)
(DA)(DT)(DC)(DC)(DG)(DC)(DT)(DA)(DG)(DC)(DG)(DA)(DG)(DT)(DT)(DA)(DG)(DC)(DC)(DT)
(DA)(DG)
;
A
2 'polydeoxyribonucleotide'
;(DT)(DT)(DT)(DA)(DG)(DC)(DA)(DT)(DA)(DG)(DG)(DC)(DA)(DG)(DT)(DC)(DG)(DT)(DG)(DG)
(DC)(DT)(DC)(DG)
;
E
3 'polydeoxyribonucleotide'
;(DT)(DG)(DC)(DT)(DA)(DG)(DG)(DC)(DT)(DA)(DA)(DC)(DT)(DC)(DG)(DC)(DT)(DA)(DG)(DC)
(DG)(DG)(DA)(DT)(DC)(DT)(DT)(DG)(DT)(DG)(DG)(DC)(DT)(DG)(DC)
;
D
4 'polydeoxyribonucleotide'
;(DG)(DA)(DG)(DC)(DA)(DG)(DC)(DC)(DT)(DG)(DT)(DA)(DC)(DG)(DG)(DA)(DC)(DA)(DT)(DC)
(DA)(DG)(DT)(DC)(DT)(DC)(DT)(DG)(DC)(DT)(DA)(DG)(DA)(DT)(DC)(DG)(DT)(DC)(DA)(DG)
(DC)(DA)
;
B
5 'polydeoxyribonucleotide'
;(DT)(DC)(DT)(DG)(DC)(DT)(DG)(DA)(DC)(DG)(DA)(DT)(DC)(DT)(DA)(DG)(DC)(DA)(DG)(DA)
(DG)(DA)(DC)(DT)(DG)(DA)(DT)(DG)(DT)(DG)(DG)(DT)(DA)(DG)(DG)
;
F
6 'polydeoxyribonucleotide'
;(DA)(DA)(DC)(DC)(DT)(DA)(DC)(DC)(DT)(DG)(DG)(DC)(DA)(DG)(DG)(DA)(DC)(DG)(DA)(DC)
(DT)(DG)(DC)(DC)(DT)(DA)(DT)(DG)(DC)(DT)(DA)
;
C
7 'polydeoxyribonucleotide'
;(DC)(DA)(DC)(DC)(DG)(DA)(DT)(DC)(DA)(DC)(DC)(DT)(DG)(DC)(DC)(DA)(DC)(DC)(DG)(DT)
(DA)
;
M
#